data_7SPT
#
_entry.id   7SPT
#
_cell.length_a   48.231
_cell.length_b   118.430
_cell.length_c   53.728
_cell.angle_alpha   90.000
_cell.angle_beta   103.160
_cell.angle_gamma   90.000
#
_symmetry.space_group_name_H-M   'P 1 21 1'
#
loop_
_entity.id
_entity.type
_entity.pdbx_description
1 polymer 'Solute carrier family 2, facilitated glucose transporter member 3'
2 non-polymer '(2R)-2,3-dihydroxypropyl (9Z)-octadec-9-enoate'
3 non-polymer alpha-D-glucopyranose
4 water water
#
_entity_poly.entity_id   1
_entity_poly.type   'polypeptide(L)'
_entity_poly.pdbx_seq_one_letter_code
;MHHHHHHHHHHSGDEVDAGSGQVDAGTMGTQKVTPALIFAITVATIGSFQFGYNTGVINAPEKIIKEFITKTLTDKGNAP
PSEVLLTSLWWLSVAIFSVGGMIGSFSVGLFVNRFGRRNSMLIVNLLAVTGGCFMGLCKVAKSVEMLILGRLVIGLFCGL
CTGFVPMYIGEISPTALRGAFGTLNQLGIVVGILVAQIFGLEFILGSEELWPLLLGFTILPAILQSAALPFCPESPRFLL
INRKEEENAKQILQRLWGTQDVSQDIQEMKDESARMSQEKQVTVLELFRVSSYRQPIIISIVLQLSQQLSGINAVFYYST
GIFKDAGVQEPWYATIGAGVVNTIFTVVSLFLVERAGRRTLHMIGLGGMAFCSTLMTVSLLLKDNYNGMSFVCIGAILVF
VAFFEIGPGPIPWFIVAELFSQGPRPAAMAVAGCSNWTSNFLVGLLFPSAAHYLGAYVFIIFTGFLITFLAFTFFKVPET
RGRTFEDITRAFEGQAHGADRSGKDGVMEMNSIEPAKETTTNV
;
_entity_poly.pdbx_strand_id   A
#
loop_
_chem_comp.id
_chem_comp.type
_chem_comp.name
_chem_comp.formula
GLC D-saccharide, alpha linking alpha-D-glucopyranose 'C6 H12 O6'
OLC non-polymer '(2R)-2,3-dihydroxypropyl (9Z)-octadec-9-enoate' 'C21 H40 O4'
#
# COMPACT_ATOMS: atom_id res chain seq x y z
N MET A 28 21.68 -13.01 13.63
CA MET A 28 20.45 -13.11 14.39
C MET A 28 20.70 -13.23 15.90
N GLY A 29 21.95 -13.49 16.28
CA GLY A 29 22.29 -13.71 17.67
C GLY A 29 21.68 -14.99 18.19
N THR A 30 20.65 -14.86 19.03
CA THR A 30 19.81 -15.99 19.43
C THR A 30 18.39 -15.85 18.91
N GLN A 31 18.11 -14.82 18.12
CA GLN A 31 16.76 -14.50 17.71
C GLN A 31 16.29 -15.42 16.58
N LYS A 32 15.05 -15.87 16.70
CA LYS A 32 14.49 -16.89 15.83
C LYS A 32 13.15 -16.40 15.27
N VAL A 33 12.76 -17.03 14.16
CA VAL A 33 11.44 -16.80 13.57
C VAL A 33 10.52 -17.89 14.11
N THR A 34 9.68 -17.54 15.09
CA THR A 34 8.79 -18.49 15.74
C THR A 34 7.44 -18.54 15.05
N PRO A 35 6.67 -19.61 15.28
CA PRO A 35 5.28 -19.59 14.82
C PRO A 35 4.50 -18.43 15.37
N ALA A 36 4.78 -18.01 16.61
CA ALA A 36 4.08 -16.87 17.18
C ALA A 36 4.34 -15.62 16.36
N LEU A 37 5.58 -15.43 15.92
CA LEU A 37 5.92 -14.24 15.13
C LEU A 37 5.25 -14.29 13.77
N ILE A 38 5.34 -15.44 13.08
CA ILE A 38 4.66 -15.60 11.80
C ILE A 38 3.18 -15.32 11.94
N PHE A 39 2.56 -15.86 12.99
CA PHE A 39 1.14 -15.68 13.21
C PHE A 39 0.79 -14.20 13.37
N ALA A 40 1.54 -13.48 14.21
CA ALA A 40 1.25 -12.09 14.48
C ALA A 40 1.35 -11.24 13.22
N ILE A 41 2.35 -11.52 12.39
CA ILE A 41 2.59 -10.71 11.20
C ILE A 41 1.58 -11.06 10.10
N THR A 42 1.36 -12.36 9.86
CA THR A 42 0.34 -12.79 8.91
C THR A 42 -1.02 -12.17 9.23
N VAL A 43 -1.41 -12.21 10.51
CA VAL A 43 -2.71 -11.66 10.88
C VAL A 43 -2.74 -10.16 10.61
N ALA A 44 -1.65 -9.47 10.93
CA ALA A 44 -1.51 -8.05 10.59
C ALA A 44 -1.71 -7.80 9.10
N THR A 45 -1.06 -8.61 8.26
CA THR A 45 -1.13 -8.39 6.81
C THR A 45 -2.48 -8.71 6.20
N ILE A 46 -3.46 -9.18 6.97
CA ILE A 46 -4.82 -9.28 6.43
C ILE A 46 -5.32 -7.89 6.05
N GLY A 47 -4.94 -6.86 6.82
CA GLY A 47 -5.26 -5.50 6.41
C GLY A 47 -4.55 -5.10 5.13
N SER A 48 -3.32 -5.58 4.95
CA SER A 48 -2.64 -5.39 3.67
C SER A 48 -3.43 -6.03 2.55
N PHE A 49 -3.91 -7.25 2.79
CA PHE A 49 -4.76 -7.91 1.79
C PHE A 49 -6.00 -7.08 1.50
N GLN A 50 -6.58 -6.46 2.52
CA GLN A 50 -7.77 -5.63 2.33
C GLN A 50 -7.48 -4.43 1.45
N PHE A 51 -6.33 -3.78 1.66
CA PHE A 51 -5.96 -2.64 0.83
C PHE A 51 -5.88 -3.05 -0.64
N GLY A 52 -5.14 -4.13 -0.92
CA GLY A 52 -5.04 -4.59 -2.30
C GLY A 52 -6.35 -5.08 -2.88
N TYR A 53 -7.11 -5.86 -2.11
CA TYR A 53 -8.38 -6.34 -2.62
C TYR A 53 -9.29 -5.18 -3.01
N ASN A 54 -9.41 -4.18 -2.12
CA ASN A 54 -10.32 -3.06 -2.39
C ASN A 54 -9.78 -2.09 -3.44
N THR A 55 -8.46 -2.02 -3.59
CA THR A 55 -7.88 -1.25 -4.68
C THR A 55 -8.30 -1.84 -6.02
N GLY A 56 -8.13 -3.15 -6.17
CA GLY A 56 -8.34 -3.77 -7.46
C GLY A 56 -9.73 -4.29 -7.77
N VAL A 57 -10.57 -4.51 -6.76
CA VAL A 57 -11.82 -5.25 -7.00
C VAL A 57 -12.75 -4.48 -7.91
N ILE A 58 -12.70 -3.15 -7.88
CA ILE A 58 -13.71 -2.33 -8.52
C ILE A 58 -13.55 -2.27 -10.04
N ASN A 59 -12.40 -2.66 -10.58
CA ASN A 59 -12.10 -2.45 -11.99
C ASN A 59 -12.94 -3.35 -12.88
N ALA A 60 -12.87 -4.67 -12.66
CA ALA A 60 -13.60 -5.62 -13.50
C ALA A 60 -15.10 -5.34 -13.60
N PRO A 61 -15.85 -5.11 -12.51
CA PRO A 61 -17.31 -4.98 -12.67
C PRO A 61 -17.80 -3.60 -13.12
N GLU A 62 -16.93 -2.82 -13.77
CA GLU A 62 -17.26 -1.42 -14.08
C GLU A 62 -18.56 -1.32 -14.88
N LYS A 63 -18.66 -2.07 -15.97
CA LYS A 63 -19.87 -2.02 -16.81
C LYS A 63 -21.08 -2.51 -16.04
N ILE A 64 -20.93 -3.62 -15.32
CA ILE A 64 -22.03 -4.12 -14.48
C ILE A 64 -22.52 -3.01 -13.56
N ILE A 65 -21.59 -2.29 -12.93
CA ILE A 65 -21.96 -1.31 -11.92
C ILE A 65 -22.61 -0.08 -12.55
N LYS A 66 -22.11 0.34 -13.73
CA LYS A 66 -22.77 1.42 -14.44
C LYS A 66 -24.20 1.05 -14.82
N GLU A 67 -24.40 -0.18 -15.30
CA GLU A 67 -25.76 -0.67 -15.55
C GLU A 67 -26.62 -0.52 -14.30
N PHE A 68 -26.05 -0.92 -13.15
CA PHE A 68 -26.79 -0.81 -11.89
C PHE A 68 -27.14 0.65 -11.60
N ILE A 69 -26.21 1.56 -11.84
CA ILE A 69 -26.46 2.98 -11.59
C ILE A 69 -27.61 3.47 -12.46
N THR A 70 -27.55 3.20 -13.77
CA THR A 70 -28.63 3.58 -14.68
C THR A 70 -29.97 3.00 -14.22
N LYS A 71 -30.02 1.68 -14.00
CA LYS A 71 -31.26 1.04 -13.60
C LYS A 71 -31.78 1.57 -12.28
N THR A 72 -30.90 1.94 -11.35
CA THR A 72 -31.36 2.54 -10.10
C THR A 72 -31.96 3.92 -10.33
N LEU A 73 -31.29 4.74 -11.15
CA LEU A 73 -31.80 6.10 -11.41
C LEU A 73 -33.14 6.05 -12.11
N THR A 74 -33.31 5.13 -13.06
CA THR A 74 -34.59 5.03 -13.75
C THR A 74 -35.65 4.38 -12.87
N ASP A 75 -35.30 3.32 -12.14
CA ASP A 75 -36.30 2.64 -11.31
C ASP A 75 -36.88 3.56 -10.24
N LYS A 76 -36.15 4.60 -9.86
CA LYS A 76 -36.65 5.62 -8.95
C LYS A 76 -37.33 6.79 -9.67
N GLY A 77 -37.63 6.66 -10.96
CA GLY A 77 -38.40 7.63 -11.70
C GLY A 77 -37.60 8.48 -12.67
N ASN A 78 -36.34 8.79 -12.34
CA ASN A 78 -35.59 9.78 -13.10
C ASN A 78 -35.32 9.32 -14.53
N ALA A 79 -34.93 10.27 -15.36
CA ALA A 79 -34.47 9.95 -16.71
C ALA A 79 -33.13 9.22 -16.65
N PRO A 80 -32.89 8.30 -17.58
CA PRO A 80 -31.58 7.61 -17.62
C PRO A 80 -30.46 8.61 -17.60
N PRO A 81 -29.35 8.30 -16.91
CA PRO A 81 -28.20 9.20 -16.92
C PRO A 81 -27.60 9.34 -18.31
N SER A 82 -27.13 10.54 -18.61
CA SER A 82 -26.24 10.70 -19.75
C SER A 82 -24.92 9.99 -19.45
N GLU A 83 -24.10 9.82 -20.49
CA GLU A 83 -22.83 9.14 -20.24
C GLU A 83 -21.89 10.01 -19.41
N VAL A 84 -22.04 11.34 -19.51
CA VAL A 84 -21.33 12.25 -18.62
C VAL A 84 -21.71 11.97 -17.16
N LEU A 85 -23.00 11.82 -16.87
CA LEU A 85 -23.44 11.56 -15.50
C LEU A 85 -22.98 10.18 -15.02
N LEU A 86 -23.19 9.14 -15.84
CA LEU A 86 -22.72 7.80 -15.51
C LEU A 86 -21.22 7.79 -15.22
N THR A 87 -20.43 8.40 -16.10
CA THR A 87 -18.99 8.48 -15.90
C THR A 87 -18.66 9.20 -14.59
N SER A 88 -19.35 10.31 -14.31
CA SER A 88 -19.09 11.03 -13.07
C SER A 88 -19.40 10.19 -11.84
N LEU A 89 -20.52 9.46 -11.86
CA LEU A 89 -20.89 8.64 -10.70
C LEU A 89 -19.97 7.45 -10.54
N TRP A 90 -19.53 6.86 -11.66
CA TRP A 90 -18.53 5.79 -11.58
C TRP A 90 -17.19 6.33 -11.11
N TRP A 91 -16.77 7.49 -11.62
CA TRP A 91 -15.54 8.12 -11.14
C TRP A 91 -15.57 8.31 -9.64
N LEU A 92 -16.70 8.82 -9.13
CA LEU A 92 -16.88 8.99 -7.69
C LEU A 92 -16.77 7.65 -6.96
N SER A 93 -17.46 6.61 -7.47
CA SER A 93 -17.42 5.28 -6.86
C SER A 93 -15.99 4.78 -6.70
N VAL A 94 -15.16 5.01 -7.72
CA VAL A 94 -13.76 4.61 -7.66
C VAL A 94 -12.99 5.55 -6.74
N ALA A 95 -13.12 6.86 -6.96
CA ALA A 95 -12.22 7.82 -6.35
C ALA A 95 -12.50 8.06 -4.88
N ILE A 96 -13.76 7.93 -4.46
CA ILE A 96 -14.10 8.15 -3.05
C ILE A 96 -13.30 7.22 -2.16
N PHE A 97 -12.89 6.07 -2.70
CA PHE A 97 -12.02 5.16 -1.98
C PHE A 97 -10.69 5.80 -1.64
N SER A 98 -10.07 6.48 -2.62
CA SER A 98 -8.78 7.14 -2.36
C SER A 98 -8.94 8.29 -1.39
N VAL A 99 -10.06 9.01 -1.48
CA VAL A 99 -10.32 10.10 -0.54
C VAL A 99 -10.41 9.56 0.88
N GLY A 100 -11.15 8.47 1.06
CA GLY A 100 -11.21 7.85 2.39
C GLY A 100 -9.84 7.37 2.82
N GLY A 101 -9.06 6.83 1.87
CA GLY A 101 -7.71 6.40 2.19
C GLY A 101 -6.81 7.56 2.59
N MET A 102 -6.92 8.70 1.89
CA MET A 102 -6.19 9.88 2.31
C MET A 102 -6.53 10.27 3.74
N ILE A 103 -7.83 10.25 4.06
CA ILE A 103 -8.25 10.66 5.40
C ILE A 103 -7.84 9.60 6.41
N GLY A 104 -8.05 8.32 6.08
CA GLY A 104 -7.72 7.27 7.01
C GLY A 104 -6.23 7.19 7.30
N SER A 105 -5.40 7.21 6.26
CA SER A 105 -3.95 7.15 6.48
C SER A 105 -3.47 8.34 7.29
N PHE A 106 -4.05 9.52 7.06
CA PHE A 106 -3.59 10.66 7.85
C PHE A 106 -4.03 10.58 9.31
N SER A 107 -4.96 9.69 9.64
CA SER A 107 -5.55 9.65 10.97
C SER A 107 -4.93 8.61 11.89
N VAL A 108 -3.93 7.85 11.44
CA VAL A 108 -3.42 6.76 12.28
C VAL A 108 -2.91 7.27 13.62
N GLY A 109 -2.34 8.49 13.65
CA GLY A 109 -1.85 9.02 14.91
C GLY A 109 -2.92 9.14 15.96
N LEU A 110 -4.18 9.24 15.56
CA LEU A 110 -5.30 9.28 16.50
C LEU A 110 -5.51 7.94 17.19
N PHE A 111 -5.03 6.84 16.60
CA PHE A 111 -5.33 5.52 17.13
C PHE A 111 -4.14 4.86 17.82
N VAL A 112 -2.96 4.87 17.20
CA VAL A 112 -1.94 3.90 17.59
C VAL A 112 -1.34 4.22 18.96
N ASN A 113 -1.37 5.48 19.39
CA ASN A 113 -0.86 5.79 20.71
C ASN A 113 -1.93 5.68 21.77
N ARG A 114 -3.20 5.87 21.39
CA ARG A 114 -4.31 5.80 22.32
C ARG A 114 -4.70 4.36 22.65
N PHE A 115 -4.81 3.50 21.64
CA PHE A 115 -5.23 2.12 21.86
C PHE A 115 -4.09 1.12 21.74
N GLY A 116 -2.92 1.53 21.28
CA GLY A 116 -1.89 0.58 20.89
C GLY A 116 -2.01 0.24 19.42
N ARG A 117 -1.03 -0.52 18.93
CA ARG A 117 -1.04 -0.88 17.51
C ARG A 117 -1.95 -2.07 17.25
N ARG A 118 -1.93 -3.06 18.14
CA ARG A 118 -2.74 -4.25 17.92
C ARG A 118 -4.22 -3.92 18.05
N ASN A 119 -4.60 -3.18 19.09
CA ASN A 119 -6.01 -2.89 19.31
C ASN A 119 -6.55 -1.93 18.28
N SER A 120 -5.70 -1.07 17.74
CA SER A 120 -6.13 -0.19 16.65
C SER A 120 -6.59 -1.00 15.45
N MET A 121 -5.85 -2.05 15.10
CA MET A 121 -6.26 -2.89 13.98
C MET A 121 -7.55 -3.61 14.29
N LEU A 122 -7.74 -4.01 15.55
CA LEU A 122 -8.96 -4.68 15.95
C LEU A 122 -10.17 -3.76 15.81
N ILE A 123 -10.08 -2.55 16.38
CA ILE A 123 -11.23 -1.65 16.42
C ILE A 123 -11.68 -1.24 15.01
N VAL A 124 -10.73 -0.99 14.11
CA VAL A 124 -11.12 -0.42 12.82
C VAL A 124 -11.82 -1.43 11.91
N ASN A 125 -11.80 -2.72 12.26
CA ASN A 125 -12.55 -3.67 11.44
C ASN A 125 -14.05 -3.40 11.48
N LEU A 126 -14.53 -2.66 12.49
CA LEU A 126 -15.90 -2.16 12.44
C LEU A 126 -16.13 -1.33 11.19
N LEU A 127 -15.13 -0.56 10.77
CA LEU A 127 -15.21 0.14 9.50
C LEU A 127 -15.23 -0.85 8.33
N ALA A 128 -14.37 -1.86 8.37
CA ALA A 128 -14.31 -2.82 7.27
C ALA A 128 -15.66 -3.53 7.09
N VAL A 129 -16.25 -3.99 8.19
CA VAL A 129 -17.51 -4.72 8.08
C VAL A 129 -18.63 -3.78 7.65
N THR A 130 -18.67 -2.57 8.22
CA THR A 130 -19.68 -1.60 7.84
C THR A 130 -19.57 -1.25 6.36
N GLY A 131 -18.39 -0.81 5.93
CA GLY A 131 -18.22 -0.46 4.54
C GLY A 131 -18.54 -1.62 3.62
N GLY A 132 -18.13 -2.83 4.00
CA GLY A 132 -18.43 -3.98 3.17
C GLY A 132 -19.90 -4.31 3.11
N CYS A 133 -20.62 -4.03 4.19
CA CYS A 133 -22.07 -4.25 4.18
C CYS A 133 -22.76 -3.23 3.30
N PHE A 134 -22.37 -1.96 3.40
CA PHE A 134 -22.93 -0.95 2.50
C PHE A 134 -22.77 -1.37 1.05
N MET A 135 -21.64 -1.98 0.71
CA MET A 135 -21.43 -2.37 -0.68
C MET A 135 -22.15 -3.68 -1.00
N GLY A 136 -22.22 -4.60 -0.05
CA GLY A 136 -22.96 -5.83 -0.28
C GLY A 136 -24.45 -5.61 -0.40
N LEU A 137 -24.96 -4.53 0.20
CA LEU A 137 -26.40 -4.30 0.25
C LEU A 137 -26.89 -3.22 -0.70
N CYS A 138 -26.00 -2.53 -1.41
CA CYS A 138 -26.45 -1.36 -2.18
C CYS A 138 -27.37 -1.76 -3.33
N LYS A 139 -27.20 -2.97 -3.87
CA LYS A 139 -28.05 -3.35 -4.99
C LYS A 139 -29.47 -3.71 -4.55
N VAL A 140 -29.61 -4.46 -3.43
CA VAL A 140 -30.97 -4.75 -2.97
C VAL A 140 -31.61 -3.52 -2.34
N ALA A 141 -30.80 -2.61 -1.79
CA ALA A 141 -31.34 -1.33 -1.38
C ALA A 141 -31.61 -0.40 -2.57
N LYS A 142 -31.12 -0.75 -3.75
CA LYS A 142 -31.19 0.13 -4.91
C LYS A 142 -30.69 1.53 -4.53
N SER A 143 -29.46 1.59 -4.05
CA SER A 143 -28.90 2.83 -3.53
C SER A 143 -27.49 3.02 -4.06
N VAL A 144 -27.35 3.95 -5.01
CA VAL A 144 -26.02 4.35 -5.49
C VAL A 144 -25.25 5.03 -4.36
N GLU A 145 -25.96 5.82 -3.55
CA GLU A 145 -25.34 6.46 -2.39
C GLU A 145 -24.72 5.44 -1.45
N MET A 146 -25.39 4.29 -1.26
CA MET A 146 -24.84 3.26 -0.39
C MET A 146 -23.57 2.67 -0.97
N LEU A 147 -23.51 2.51 -2.29
CA LEU A 147 -22.27 2.07 -2.93
C LEU A 147 -21.15 3.07 -2.67
N ILE A 148 -21.45 4.35 -2.83
CA ILE A 148 -20.43 5.39 -2.67
C ILE A 148 -19.99 5.47 -1.21
N LEU A 149 -20.95 5.46 -0.29
CA LEU A 149 -20.64 5.46 1.13
C LEU A 149 -19.77 4.25 1.50
N GLY A 150 -20.15 3.08 0.99
CA GLY A 150 -19.35 1.90 1.25
C GLY A 150 -17.90 2.07 0.84
N ARG A 151 -17.67 2.55 -0.40
CA ARG A 151 -16.31 2.72 -0.88
C ARG A 151 -15.57 3.77 -0.06
N LEU A 152 -16.28 4.80 0.41
CA LEU A 152 -15.67 5.78 1.29
C LEU A 152 -15.24 5.14 2.61
N VAL A 153 -16.13 4.36 3.22
CA VAL A 153 -15.85 3.73 4.51
C VAL A 153 -14.71 2.72 4.37
N ILE A 154 -14.76 1.89 3.33
CA ILE A 154 -13.69 0.91 3.14
C ILE A 154 -12.36 1.62 2.82
N GLY A 155 -12.42 2.81 2.21
CA GLY A 155 -11.21 3.58 2.01
C GLY A 155 -10.65 4.12 3.32
N LEU A 156 -11.53 4.69 4.16
CA LEU A 156 -11.15 5.04 5.53
C LEU A 156 -10.46 3.87 6.22
N PHE A 157 -11.09 2.69 6.17
CA PHE A 157 -10.48 1.50 6.76
C PHE A 157 -9.11 1.21 6.15
N CYS A 158 -9.04 1.17 4.83
CA CYS A 158 -7.80 0.76 4.17
C CYS A 158 -6.70 1.81 4.40
N GLY A 159 -7.06 3.10 4.43
CA GLY A 159 -6.09 4.12 4.78
C GLY A 159 -5.47 3.90 6.15
N LEU A 160 -6.31 3.58 7.14
CA LEU A 160 -5.78 3.28 8.46
C LEU A 160 -4.88 2.05 8.41
N CYS A 161 -5.34 1.01 7.72
CA CYS A 161 -4.55 -0.21 7.59
C CYS A 161 -3.16 0.06 7.02
N THR A 162 -3.07 0.89 5.97
CA THR A 162 -1.77 1.04 5.34
C THR A 162 -0.79 1.75 6.25
N GLY A 163 -1.29 2.41 7.30
CA GLY A 163 -0.43 2.93 8.36
C GLY A 163 -0.22 1.92 9.47
N PHE A 164 -1.30 1.27 9.93
CA PHE A 164 -1.21 0.37 11.07
C PHE A 164 -0.25 -0.78 10.80
N VAL A 165 -0.39 -1.42 9.64
CA VAL A 165 0.29 -2.69 9.43
C VAL A 165 1.80 -2.53 9.42
N PRO A 166 2.40 -1.64 8.61
CA PRO A 166 3.87 -1.51 8.66
C PRO A 166 4.41 -1.03 9.99
N MET A 167 3.68 -0.16 10.70
CA MET A 167 4.10 0.23 12.02
C MET A 167 4.17 -0.98 12.95
N TYR A 168 3.15 -1.84 12.90
CA TYR A 168 3.09 -3.01 13.78
C TYR A 168 4.17 -4.02 13.40
N ILE A 169 4.30 -4.32 12.10
CA ILE A 169 5.34 -5.24 11.66
C ILE A 169 6.73 -4.66 11.93
N GLY A 170 6.89 -3.34 11.73
CA GLY A 170 8.20 -2.74 11.94
C GLY A 170 8.61 -2.75 13.40
N GLU A 171 7.63 -2.68 14.30
CA GLU A 171 7.90 -2.65 15.72
C GLU A 171 8.08 -4.02 16.34
N ILE A 172 7.61 -5.09 15.70
CA ILE A 172 7.76 -6.43 16.26
C ILE A 172 8.77 -7.30 15.55
N SER A 173 9.28 -6.88 14.39
CA SER A 173 10.23 -7.71 13.67
C SER A 173 11.60 -7.67 14.35
N PRO A 174 12.34 -8.77 14.33
CA PRO A 174 13.78 -8.68 14.60
C PRO A 174 14.43 -7.74 13.60
N THR A 175 15.45 -7.02 14.09
CA THR A 175 16.08 -5.99 13.26
C THR A 175 16.64 -6.57 11.96
N ALA A 176 17.35 -7.70 12.05
CA ALA A 176 17.96 -8.34 10.88
C ALA A 176 16.93 -8.77 9.84
N LEU A 177 15.64 -8.80 10.18
CA LEU A 177 14.62 -9.25 9.26
C LEU A 177 13.52 -8.21 9.09
N ARG A 178 13.74 -7.01 9.59
CA ARG A 178 12.72 -5.95 9.51
C ARG A 178 12.29 -5.69 8.05
N GLY A 179 13.22 -5.68 7.10
CA GLY A 179 12.87 -5.44 5.69
C GLY A 179 12.08 -6.61 5.14
N ALA A 180 12.58 -7.82 5.33
CA ALA A 180 11.89 -8.99 4.82
C ALA A 180 10.48 -9.08 5.37
N PHE A 181 10.34 -8.96 6.69
CA PHE A 181 9.00 -8.98 7.26
C PHE A 181 8.18 -7.79 6.81
N GLY A 182 8.83 -6.63 6.62
CA GLY A 182 8.14 -5.47 6.07
C GLY A 182 7.57 -5.71 4.68
N THR A 183 8.22 -6.58 3.91
CA THR A 183 7.76 -6.86 2.55
C THR A 183 6.51 -7.72 2.52
N LEU A 184 6.22 -8.43 3.62
CA LEU A 184 5.00 -9.23 3.71
C LEU A 184 3.76 -8.37 3.63
N ASN A 185 3.86 -7.12 4.07
CA ASN A 185 2.78 -6.15 3.86
C ASN A 185 2.45 -6.02 2.37
N GLN A 186 3.44 -5.71 1.54
CA GLN A 186 3.20 -5.60 0.11
C GLN A 186 2.76 -6.94 -0.50
N LEU A 187 3.31 -8.06 0.01
CA LEU A 187 2.85 -9.36 -0.45
C LEU A 187 1.36 -9.52 -0.23
N GLY A 188 0.86 -9.05 0.90
CA GLY A 188 -0.57 -9.10 1.14
C GLY A 188 -1.34 -8.20 0.20
N ILE A 189 -0.80 -7.02 -0.09
CA ILE A 189 -1.46 -6.10 -1.01
C ILE A 189 -1.59 -6.75 -2.38
N VAL A 190 -0.50 -7.33 -2.87
CA VAL A 190 -0.53 -7.85 -4.23
C VAL A 190 -1.32 -9.16 -4.29
N VAL A 191 -1.31 -9.95 -3.22
CA VAL A 191 -2.21 -11.10 -3.16
C VAL A 191 -3.66 -10.63 -3.12
N GLY A 192 -3.94 -9.53 -2.41
CA GLY A 192 -5.29 -9.00 -2.41
C GLY A 192 -5.75 -8.56 -3.78
N ILE A 193 -4.89 -7.85 -4.51
CA ILE A 193 -5.19 -7.45 -5.88
C ILE A 193 -5.47 -8.67 -6.75
N LEU A 194 -4.60 -9.69 -6.66
CA LEU A 194 -4.75 -10.85 -7.54
C LEU A 194 -6.07 -11.57 -7.27
N VAL A 195 -6.43 -11.71 -5.99
CA VAL A 195 -7.70 -12.34 -5.63
C VAL A 195 -8.88 -11.53 -6.16
N ALA A 196 -8.80 -10.21 -6.04
CA ALA A 196 -9.86 -9.35 -6.56
C ALA A 196 -10.03 -9.50 -8.07
N GLN A 197 -8.91 -9.60 -8.82
CA GLN A 197 -8.98 -9.83 -10.26
C GLN A 197 -9.64 -11.16 -10.56
N ILE A 198 -9.22 -12.20 -9.84
CA ILE A 198 -9.74 -13.55 -10.06
C ILE A 198 -11.23 -13.60 -9.72
N PHE A 199 -11.61 -13.09 -8.55
CA PHE A 199 -13.04 -13.08 -8.20
C PHE A 199 -13.85 -12.25 -9.19
N GLY A 200 -13.23 -11.23 -9.77
CA GLY A 200 -13.92 -10.40 -10.75
C GLY A 200 -14.22 -11.09 -12.06
N LEU A 201 -13.66 -12.26 -12.30
CA LEU A 201 -14.06 -13.05 -13.46
C LEU A 201 -15.55 -13.35 -13.42
N GLU A 202 -16.20 -13.24 -14.57
CA GLU A 202 -17.66 -13.30 -14.56
C GLU A 202 -18.18 -14.67 -14.14
N PHE A 203 -17.46 -15.74 -14.44
CA PHE A 203 -17.89 -17.06 -13.98
C PHE A 203 -17.58 -17.31 -12.51
N ILE A 204 -17.18 -16.28 -11.76
CA ILE A 204 -17.00 -16.38 -10.32
C ILE A 204 -17.95 -15.39 -9.65
N LEU A 205 -17.47 -14.19 -9.35
CA LEU A 205 -18.28 -13.19 -8.67
C LEU A 205 -18.52 -11.91 -9.46
N GLY A 206 -17.87 -11.73 -10.60
CA GLY A 206 -18.03 -10.51 -11.36
C GLY A 206 -19.14 -10.62 -12.38
N SER A 207 -20.35 -10.91 -11.91
CA SER A 207 -21.53 -11.04 -12.75
C SER A 207 -22.60 -10.05 -12.31
N GLU A 208 -23.64 -9.92 -13.15
CA GLU A 208 -24.76 -9.07 -12.81
C GLU A 208 -25.44 -9.51 -11.52
N GLU A 209 -25.46 -10.81 -11.25
CA GLU A 209 -26.10 -11.27 -10.02
C GLU A 209 -25.20 -11.12 -8.80
N LEU A 210 -23.91 -11.47 -8.93
CA LEU A 210 -23.05 -11.70 -7.77
C LEU A 210 -22.08 -10.56 -7.46
N TRP A 211 -22.10 -9.47 -8.23
CA TRP A 211 -21.13 -8.41 -7.96
C TRP A 211 -21.29 -7.76 -6.59
N PRO A 212 -22.48 -7.68 -5.99
CA PRO A 212 -22.52 -7.25 -4.57
C PRO A 212 -21.68 -8.13 -3.65
N LEU A 213 -21.56 -9.42 -3.94
CA LEU A 213 -20.72 -10.29 -3.12
C LEU A 213 -19.25 -10.03 -3.37
N LEU A 214 -18.90 -9.78 -4.63
CA LEU A 214 -17.54 -9.37 -4.96
C LEU A 214 -17.07 -8.22 -4.08
N LEU A 215 -17.95 -7.23 -3.86
CA LEU A 215 -17.60 -6.09 -3.02
C LEU A 215 -17.79 -6.42 -1.53
N GLY A 216 -18.86 -7.13 -1.19
CA GLY A 216 -19.05 -7.50 0.19
C GLY A 216 -18.06 -8.50 0.71
N PHE A 217 -17.27 -9.14 -0.18
CA PHE A 217 -16.30 -10.12 0.28
C PHE A 217 -15.37 -9.55 1.34
N THR A 218 -15.08 -8.25 1.26
CA THR A 218 -14.12 -7.61 2.17
C THR A 218 -14.51 -7.80 3.63
N ILE A 219 -15.77 -8.15 3.91
CA ILE A 219 -16.20 -8.42 5.28
C ILE A 219 -15.52 -9.67 5.82
N LEU A 220 -15.29 -10.66 4.95
CA LEU A 220 -14.75 -11.94 5.41
C LEU A 220 -13.35 -11.86 5.97
N PRO A 221 -12.35 -11.27 5.28
CA PRO A 221 -11.04 -11.12 5.93
C PRO A 221 -11.13 -10.38 7.24
N ALA A 222 -11.99 -9.37 7.30
CA ALA A 222 -12.09 -8.55 8.49
C ALA A 222 -12.59 -9.38 9.68
N ILE A 223 -13.55 -10.27 9.44
CA ILE A 223 -14.03 -11.13 10.52
C ILE A 223 -12.93 -12.09 10.96
N LEU A 224 -12.17 -12.63 10.00
CA LEU A 224 -11.05 -13.51 10.33
C LEU A 224 -10.01 -12.78 11.17
N GLN A 225 -9.60 -11.60 10.71
CA GLN A 225 -8.57 -10.86 11.41
C GLN A 225 -9.04 -10.47 12.82
N SER A 226 -10.29 -10.03 12.94
CA SER A 226 -10.81 -9.62 14.23
C SER A 226 -10.84 -10.80 15.21
N ALA A 227 -11.11 -12.01 14.72
CA ALA A 227 -11.08 -13.17 15.60
C ALA A 227 -9.66 -13.49 16.07
N ALA A 228 -8.65 -13.18 15.24
CA ALA A 228 -7.27 -13.58 15.53
C ALA A 228 -6.47 -12.52 16.26
N LEU A 229 -6.86 -11.25 16.11
CA LEU A 229 -6.10 -10.15 16.69
C LEU A 229 -5.97 -10.19 18.22
N PRO A 230 -7.00 -10.58 19.00
CA PRO A 230 -6.78 -10.65 20.45
C PRO A 230 -5.61 -11.54 20.82
N PHE A 231 -5.31 -12.54 20.02
CA PHE A 231 -4.25 -13.49 20.34
C PHE A 231 -2.89 -13.05 19.81
N CYS A 232 -2.83 -11.92 19.16
CA CYS A 232 -1.59 -11.32 18.72
C CYS A 232 -1.02 -10.44 19.84
N PRO A 233 0.30 -10.38 20.00
CA PRO A 233 0.86 -9.52 21.04
C PRO A 233 0.75 -8.05 20.66
N GLU A 234 0.66 -7.20 21.69
CA GLU A 234 0.89 -5.79 21.44
C GLU A 234 2.34 -5.59 21.02
N SER A 235 2.60 -4.48 20.34
CA SER A 235 3.97 -4.12 20.06
C SER A 235 4.76 -4.01 21.36
N PRO A 236 5.82 -4.80 21.55
CA PRO A 236 6.67 -4.60 22.75
C PRO A 236 7.35 -3.24 22.78
N ARG A 237 7.61 -2.62 21.61
CA ARG A 237 8.15 -1.27 21.64
C ARG A 237 7.10 -0.28 22.15
N PHE A 238 5.85 -0.43 21.73
CA PHE A 238 4.80 0.37 22.31
C PHE A 238 4.70 0.17 23.81
N LEU A 239 4.78 -1.09 24.26
CA LEU A 239 4.61 -1.37 25.68
C LEU A 239 5.76 -0.79 26.50
N LEU A 240 6.99 -0.99 26.06
CA LEU A 240 8.13 -0.55 26.87
C LEU A 240 8.30 0.97 26.76
N ILE A 241 8.33 1.50 25.54
CA ILE A 241 8.68 2.90 25.34
C ILE A 241 7.49 3.80 25.64
N ASN A 242 6.33 3.52 25.03
CA ASN A 242 5.17 4.38 25.22
C ASN A 242 4.54 4.16 26.59
N ARG A 243 4.45 2.92 27.06
CA ARG A 243 3.74 2.61 28.30
C ARG A 243 4.63 2.29 29.49
N LYS A 244 5.95 2.29 29.32
CA LYS A 244 6.91 2.08 30.42
C LYS A 244 6.67 0.74 31.13
N GLU A 245 6.31 -0.28 30.36
CA GLU A 245 6.12 -1.64 30.88
C GLU A 245 7.26 -2.52 30.39
N GLU A 246 8.43 -2.33 30.99
CA GLU A 246 9.63 -3.01 30.53
C GLU A 246 9.51 -4.52 30.66
N GLU A 247 9.02 -5.00 31.81
CA GLU A 247 8.92 -6.44 32.04
C GLU A 247 7.91 -7.09 31.10
N ASN A 248 6.76 -6.46 30.89
CA ASN A 248 5.80 -6.98 29.91
C ASN A 248 6.39 -7.01 28.51
N ALA A 249 7.07 -5.92 28.10
CA ALA A 249 7.69 -5.92 26.78
C ALA A 249 8.70 -7.05 26.66
N LYS A 250 9.53 -7.22 27.69
CA LYS A 250 10.61 -8.21 27.62
C LYS A 250 10.02 -9.60 27.46
N GLN A 251 9.01 -9.93 28.26
CA GLN A 251 8.35 -11.22 28.16
C GLN A 251 7.79 -11.45 26.76
N ILE A 252 7.17 -10.43 26.17
CA ILE A 252 6.60 -10.63 24.84
C ILE A 252 7.70 -10.86 23.81
N LEU A 253 8.81 -10.10 23.93
CA LEU A 253 9.93 -10.27 23.01
C LEU A 253 10.51 -11.68 23.10
N GLN A 254 10.66 -12.19 24.33
CA GLN A 254 11.28 -13.49 24.50
C GLN A 254 10.44 -14.58 23.84
N ARG A 255 9.13 -14.48 23.94
CA ARG A 255 8.26 -15.47 23.28
C ARG A 255 8.27 -15.28 21.77
N LEU A 256 8.09 -14.04 21.30
CA LEU A 256 8.03 -13.80 19.86
C LEU A 256 9.31 -14.23 19.16
N TRP A 257 10.46 -14.03 19.79
CA TRP A 257 11.71 -14.34 19.13
C TRP A 257 12.30 -15.66 19.58
N GLY A 258 11.67 -16.34 20.52
CA GLY A 258 12.14 -17.66 20.91
C GLY A 258 13.50 -17.64 21.56
N THR A 259 13.77 -16.65 22.40
CA THR A 259 15.04 -16.62 23.12
C THR A 259 14.89 -15.80 24.38
N GLN A 260 15.59 -16.21 25.43
CA GLN A 260 15.57 -15.50 26.69
C GLN A 260 16.48 -14.27 26.67
N ASP A 261 17.51 -14.28 25.84
CA ASP A 261 18.46 -13.19 25.76
C ASP A 261 17.97 -12.19 24.72
N VAL A 262 17.33 -11.12 25.19
CA VAL A 262 16.91 -10.00 24.34
C VAL A 262 17.49 -8.68 24.86
N SER A 263 18.65 -8.74 25.52
CA SER A 263 19.19 -7.57 26.22
C SER A 263 19.55 -6.44 25.26
N GLN A 264 20.18 -6.75 24.12
CA GLN A 264 20.49 -5.71 23.14
C GLN A 264 19.23 -4.94 22.73
N ASP A 265 18.18 -5.68 22.34
CA ASP A 265 16.96 -5.03 21.86
C ASP A 265 16.26 -4.26 22.97
N ILE A 266 16.18 -4.84 24.17
CA ILE A 266 15.56 -4.15 25.30
C ILE A 266 16.30 -2.86 25.61
N GLN A 267 17.63 -2.90 25.57
CA GLN A 267 18.40 -1.70 25.91
C GLN A 267 18.27 -0.65 24.81
N GLU A 268 18.21 -1.08 23.55
CA GLU A 268 17.93 -0.13 22.48
C GLU A 268 16.59 0.57 22.70
N MET A 269 15.59 -0.18 23.16
CA MET A 269 14.27 0.37 23.44
C MET A 269 14.30 1.32 24.63
N LYS A 270 15.10 1.00 25.65
CA LYS A 270 15.27 1.90 26.77
C LYS A 270 16.00 3.19 26.35
N ASP A 271 16.99 3.06 25.46
CA ASP A 271 17.58 4.24 24.83
C ASP A 271 16.52 5.09 24.15
N GLU A 272 15.69 4.46 23.30
CA GLU A 272 14.64 5.23 22.63
C GLU A 272 13.68 5.84 23.64
N SER A 273 13.31 5.08 24.66
CA SER A 273 12.41 5.62 25.68
C SER A 273 13.03 6.83 26.37
N ALA A 274 14.34 6.77 26.66
CA ALA A 274 15.00 7.92 27.27
C ALA A 274 14.93 9.13 26.34
N ARG A 275 15.24 8.93 25.06
CA ARG A 275 15.19 10.02 24.09
C ARG A 275 13.78 10.59 23.97
N MET A 276 12.78 9.72 23.85
CA MET A 276 11.41 10.20 23.67
C MET A 276 10.99 11.06 24.86
N SER A 277 11.44 10.67 26.07
CA SER A 277 11.14 11.44 27.27
C SER A 277 11.76 12.83 27.26
N GLN A 278 12.80 13.05 26.48
CA GLN A 278 13.48 14.34 26.49
C GLN A 278 13.05 15.27 25.38
N GLU A 279 12.16 14.82 24.49
CA GLU A 279 11.68 15.63 23.39
C GLU A 279 10.18 15.80 23.48
N LYS A 280 9.70 16.94 22.99
CA LYS A 280 8.29 17.23 23.07
C LYS A 280 7.51 16.21 22.26
N GLN A 281 6.24 16.05 22.61
CA GLN A 281 5.38 15.17 21.83
C GLN A 281 5.35 15.66 20.38
N VAL A 282 5.48 14.72 19.44
CA VAL A 282 5.68 15.05 18.03
C VAL A 282 4.35 15.36 17.36
N THR A 283 4.29 16.45 16.63
CA THR A 283 3.15 16.80 15.79
C THR A 283 3.53 16.72 14.32
N VAL A 284 2.51 16.74 13.46
CA VAL A 284 2.74 16.67 12.02
C VAL A 284 3.54 17.87 11.56
N LEU A 285 3.13 19.07 11.98
CA LEU A 285 3.83 20.29 11.57
C LEU A 285 5.27 20.27 12.04
N GLU A 286 5.51 19.77 13.25
CA GLU A 286 6.86 19.78 13.81
C GLU A 286 7.82 18.92 13.00
N LEU A 287 7.29 17.91 12.31
CA LEU A 287 8.15 17.12 11.44
C LEU A 287 8.78 17.96 10.34
N PHE A 288 8.14 19.06 9.97
CA PHE A 288 8.67 19.96 8.96
C PHE A 288 9.47 21.13 9.54
N ARG A 289 9.48 21.30 10.85
CA ARG A 289 10.29 22.36 11.45
C ARG A 289 11.65 21.84 11.89
N VAL A 290 11.65 20.74 12.64
CA VAL A 290 12.86 20.19 13.19
C VAL A 290 13.75 19.64 12.08
N SER A 291 15.00 20.10 12.04
CA SER A 291 15.93 19.63 11.01
C SER A 291 16.15 18.12 11.11
N SER A 292 16.28 17.60 12.33
CA SER A 292 16.50 16.17 12.50
C SER A 292 15.36 15.35 11.91
N TYR A 293 14.14 15.90 11.88
CA TYR A 293 13.00 15.20 11.30
C TYR A 293 12.77 15.54 9.83
N ARG A 294 13.25 16.70 9.38
CA ARG A 294 12.91 17.14 8.03
C ARG A 294 13.57 16.26 6.98
N GLN A 295 14.82 15.89 7.19
CA GLN A 295 15.46 14.97 6.24
C GLN A 295 14.73 13.65 6.14
N PRO A 296 14.46 12.92 7.24
CA PRO A 296 13.76 11.63 7.07
C PRO A 296 12.33 11.80 6.61
N ILE A 297 11.65 12.91 6.90
CA ILE A 297 10.27 13.01 6.42
C ILE A 297 10.24 13.34 4.94
N ILE A 298 11.19 14.15 4.44
CA ILE A 298 11.29 14.39 3.00
C ILE A 298 11.59 13.09 2.28
N ILE A 299 12.58 12.35 2.76
CA ILE A 299 12.84 11.00 2.25
C ILE A 299 11.55 10.18 2.23
N SER A 300 10.84 10.14 3.36
CA SER A 300 9.64 9.32 3.45
C SER A 300 8.60 9.72 2.40
N ILE A 301 8.32 11.02 2.30
CA ILE A 301 7.33 11.50 1.35
C ILE A 301 7.77 11.23 -0.09
N VAL A 302 9.05 11.48 -0.38
CA VAL A 302 9.54 11.33 -1.74
C VAL A 302 9.47 9.88 -2.16
N LEU A 303 9.79 8.97 -1.25
CA LEU A 303 9.73 7.55 -1.60
C LEU A 303 8.30 7.09 -1.90
N GLN A 304 7.29 7.65 -1.21
CA GLN A 304 5.90 7.34 -1.53
C GLN A 304 5.54 7.86 -2.92
N LEU A 305 5.98 9.07 -3.26
CA LEU A 305 5.76 9.60 -4.60
C LEU A 305 6.40 8.70 -5.65
N SER A 306 7.63 8.25 -5.40
CA SER A 306 8.31 7.39 -6.35
C SER A 306 7.51 6.11 -6.61
N GLN A 307 6.77 5.62 -5.62
CA GLN A 307 5.87 4.50 -5.82
C GLN A 307 4.66 4.88 -6.68
N GLN A 308 3.93 5.91 -6.29
CA GLN A 308 2.70 6.24 -6.97
C GLN A 308 2.96 6.96 -8.30
N LEU A 309 3.94 7.86 -8.35
CA LEU A 309 4.23 8.56 -9.61
C LEU A 309 5.05 7.72 -10.56
N SER A 310 5.37 6.48 -10.21
CA SER A 310 5.81 5.53 -11.21
C SER A 310 4.72 5.28 -12.26
N GLY A 311 3.46 5.58 -11.94
CA GLY A 311 2.35 5.24 -12.80
C GLY A 311 1.85 3.82 -12.68
N ILE A 312 2.26 3.11 -11.62
CA ILE A 312 1.92 1.69 -11.48
C ILE A 312 0.41 1.46 -11.58
N ASN A 313 -0.40 2.30 -10.92
CA ASN A 313 -1.83 2.03 -10.95
C ASN A 313 -2.44 2.45 -12.29
N ALA A 314 -1.92 3.49 -12.92
CA ALA A 314 -2.31 3.77 -14.30
C ALA A 314 -1.93 2.64 -15.23
N VAL A 315 -0.72 2.09 -15.08
CA VAL A 315 -0.28 1.00 -15.96
C VAL A 315 -1.14 -0.24 -15.73
N PHE A 316 -1.39 -0.59 -14.47
CA PHE A 316 -2.18 -1.78 -14.21
C PHE A 316 -3.61 -1.62 -14.70
N TYR A 317 -4.23 -0.49 -14.38
CA TYR A 317 -5.63 -0.30 -14.76
C TYR A 317 -5.80 -0.27 -16.28
N TYR A 318 -4.99 0.52 -16.97
CA TYR A 318 -5.13 0.63 -18.42
C TYR A 318 -4.44 -0.50 -19.17
N SER A 319 -3.88 -1.49 -18.46
CA SER A 319 -3.14 -2.55 -19.16
C SER A 319 -4.07 -3.35 -20.06
N THR A 320 -5.33 -3.52 -19.63
CA THR A 320 -6.25 -4.33 -20.41
C THR A 320 -6.51 -3.70 -21.77
N GLY A 321 -6.81 -2.41 -21.79
CA GLY A 321 -6.99 -1.72 -23.06
C GLY A 321 -5.72 -1.60 -23.87
N ILE A 322 -4.56 -1.50 -23.20
CA ILE A 322 -3.31 -1.46 -23.95
C ILE A 322 -3.00 -2.83 -24.53
N PHE A 323 -3.15 -3.88 -23.72
CA PHE A 323 -3.04 -5.25 -24.24
C PHE A 323 -3.97 -5.47 -25.43
N LYS A 324 -5.22 -5.00 -25.33
CA LYS A 324 -6.17 -5.16 -26.43
C LYS A 324 -5.66 -4.46 -27.69
N ASP A 325 -5.25 -3.21 -27.56
CA ASP A 325 -4.75 -2.47 -28.71
C ASP A 325 -3.44 -3.03 -29.24
N ALA A 326 -2.70 -3.77 -28.43
CA ALA A 326 -1.56 -4.54 -28.91
C ALA A 326 -1.95 -5.89 -29.50
N GLY A 327 -3.23 -6.24 -29.51
CA GLY A 327 -3.69 -7.43 -30.18
C GLY A 327 -3.99 -8.63 -29.32
N VAL A 328 -3.81 -8.55 -27.99
CA VAL A 328 -4.11 -9.70 -27.14
C VAL A 328 -5.58 -10.05 -27.30
N GLN A 329 -5.87 -11.29 -27.69
CA GLN A 329 -7.25 -11.64 -28.02
C GLN A 329 -8.12 -11.67 -26.78
N GLU A 330 -7.58 -12.10 -25.65
CA GLU A 330 -8.30 -12.19 -24.37
C GLU A 330 -7.52 -11.38 -23.33
N PRO A 331 -7.65 -10.05 -23.37
CA PRO A 331 -6.73 -9.20 -22.59
C PRO A 331 -6.92 -9.32 -21.08
N TRP A 332 -8.08 -9.78 -20.61
CA TRP A 332 -8.29 -9.90 -19.17
C TRP A 332 -7.36 -10.95 -18.56
N TYR A 333 -7.08 -12.03 -19.27
CA TYR A 333 -6.14 -13.03 -18.79
C TYR A 333 -4.71 -12.51 -18.79
N ALA A 334 -4.38 -11.60 -19.71
CA ALA A 334 -3.07 -10.97 -19.67
C ALA A 334 -2.94 -10.05 -18.46
N THR A 335 -4.03 -9.38 -18.07
CA THR A 335 -4.00 -8.55 -16.87
C THR A 335 -3.89 -9.41 -15.61
N ILE A 336 -4.54 -10.57 -15.61
CA ILE A 336 -4.34 -11.47 -14.47
C ILE A 336 -2.91 -11.99 -14.49
N GLY A 337 -2.34 -12.18 -15.67
CA GLY A 337 -0.91 -12.46 -15.77
C GLY A 337 -0.07 -11.38 -15.13
N ALA A 338 -0.39 -10.11 -15.41
CA ALA A 338 0.32 -9.02 -14.73
C ALA A 338 0.18 -9.14 -13.22
N GLY A 339 -1.03 -9.46 -12.74
CA GLY A 339 -1.23 -9.68 -11.31
C GLY A 339 -0.39 -10.82 -10.76
N VAL A 340 -0.17 -11.87 -11.56
CA VAL A 340 0.69 -12.96 -11.13
C VAL A 340 2.14 -12.51 -11.06
N VAL A 341 2.62 -11.83 -12.11
CA VAL A 341 3.95 -11.24 -12.09
C VAL A 341 4.09 -10.31 -10.89
N ASN A 342 3.03 -9.53 -10.62
CA ASN A 342 3.06 -8.61 -9.50
C ASN A 342 3.31 -9.36 -8.19
N THR A 343 2.75 -10.57 -8.06
CA THR A 343 2.94 -11.34 -6.84
C THR A 343 4.32 -11.96 -6.78
N ILE A 344 4.76 -12.57 -7.88
CA ILE A 344 6.02 -13.33 -7.90
C ILE A 344 7.18 -12.42 -7.52
N PHE A 345 7.25 -11.23 -8.12
CA PHE A 345 8.39 -10.36 -7.86
C PHE A 345 8.29 -9.62 -6.54
N THR A 346 7.14 -9.65 -5.86
CA THR A 346 7.11 -9.22 -4.46
C THR A 346 7.83 -10.23 -3.57
N VAL A 347 7.65 -11.52 -3.87
CA VAL A 347 8.35 -12.57 -3.14
C VAL A 347 9.85 -12.48 -3.41
N VAL A 348 10.21 -12.22 -4.66
CA VAL A 348 11.62 -12.06 -5.01
C VAL A 348 12.24 -10.95 -4.18
N SER A 349 11.58 -9.79 -4.12
CA SER A 349 12.08 -8.68 -3.30
C SER A 349 12.22 -9.10 -1.84
N LEU A 350 11.22 -9.81 -1.32
CA LEU A 350 11.24 -10.35 0.03
C LEU A 350 12.55 -11.09 0.31
N PHE A 351 12.93 -12.01 -0.58
CA PHE A 351 14.14 -12.77 -0.35
C PHE A 351 15.42 -12.00 -0.68
N LEU A 352 15.34 -10.74 -1.13
CA LEU A 352 16.54 -10.02 -1.48
C LEU A 352 16.81 -8.80 -0.62
N VAL A 353 15.78 -8.23 0.01
CA VAL A 353 15.92 -6.90 0.57
C VAL A 353 16.92 -6.86 1.74
N GLU A 354 17.12 -7.96 2.46
CA GLU A 354 18.13 -7.91 3.52
C GLU A 354 19.54 -8.07 2.95
N ARG A 355 19.72 -8.91 1.93
CA ARG A 355 21.00 -8.99 1.26
C ARG A 355 21.31 -7.67 0.56
N ALA A 356 20.50 -7.35 -0.45
CA ALA A 356 20.80 -6.23 -1.34
C ALA A 356 20.62 -4.90 -0.64
N GLY A 357 19.74 -4.82 0.34
CA GLY A 357 19.44 -3.56 1.00
C GLY A 357 18.37 -2.79 0.27
N ARG A 358 17.88 -1.77 0.95
CA ARG A 358 16.77 -0.93 0.48
C ARG A 358 17.19 -0.10 -0.73
N ARG A 359 18.34 0.55 -0.67
CA ARG A 359 18.80 1.45 -1.74
C ARG A 359 18.86 0.72 -3.07
N THR A 360 19.60 -0.39 -3.09
CA THR A 360 19.81 -1.12 -4.34
C THR A 360 18.50 -1.55 -4.97
N LEU A 361 17.66 -2.25 -4.19
CA LEU A 361 16.40 -2.75 -4.75
C LEU A 361 15.51 -1.61 -5.23
N HIS A 362 15.43 -0.52 -4.45
CA HIS A 362 14.56 0.56 -4.88
C HIS A 362 15.06 1.21 -6.16
N MET A 363 16.38 1.39 -6.29
CA MET A 363 16.92 2.03 -7.49
C MET A 363 16.80 1.14 -8.70
N ILE A 364 17.07 -0.16 -8.54
CA ILE A 364 16.86 -1.08 -9.66
C ILE A 364 15.42 -1.03 -10.13
N GLY A 365 14.47 -0.97 -9.19
CA GLY A 365 13.08 -0.91 -9.58
C GLY A 365 12.74 0.37 -10.32
N LEU A 366 13.20 1.50 -9.79
CA LEU A 366 12.94 2.78 -10.46
C LEU A 366 13.59 2.81 -11.84
N GLY A 367 14.85 2.37 -11.92
CA GLY A 367 15.55 2.38 -13.19
C GLY A 367 14.93 1.44 -14.20
N GLY A 368 14.59 0.23 -13.77
CA GLY A 368 13.96 -0.72 -14.69
C GLY A 368 12.59 -0.27 -15.16
N MET A 369 11.84 0.40 -14.28
CA MET A 369 10.56 0.97 -14.70
C MET A 369 10.77 2.13 -15.66
N ALA A 370 11.83 2.93 -15.44
CA ALA A 370 12.15 4.00 -16.38
C ALA A 370 12.32 3.44 -17.78
N PHE A 371 13.11 2.36 -17.91
CA PHE A 371 13.28 1.70 -19.20
C PHE A 371 11.96 1.18 -19.77
N CYS A 372 11.12 0.57 -18.92
CA CYS A 372 9.91 -0.07 -19.43
C CYS A 372 8.86 0.95 -19.85
N SER A 373 8.70 2.02 -19.07
CA SER A 373 7.74 3.04 -19.45
C SER A 373 8.17 3.74 -20.74
N THR A 374 9.47 4.03 -20.87
CA THR A 374 9.99 4.56 -22.12
C THR A 374 9.71 3.61 -23.28
N LEU A 375 9.98 2.32 -23.06
CA LEU A 375 9.72 1.32 -24.08
C LEU A 375 8.22 1.23 -24.43
N MET A 376 7.33 1.46 -23.45
CA MET A 376 5.90 1.51 -23.77
C MET A 376 5.60 2.63 -24.75
N THR A 377 6.17 3.82 -24.51
CA THR A 377 6.03 4.92 -25.45
C THR A 377 6.56 4.54 -26.84
N VAL A 378 7.76 3.96 -26.89
CA VAL A 378 8.38 3.66 -28.17
C VAL A 378 7.57 2.60 -28.92
N SER A 379 7.18 1.55 -28.20
CA SER A 379 6.44 0.48 -28.85
C SER A 379 5.08 0.97 -29.34
N LEU A 380 4.39 1.77 -28.52
CA LEU A 380 3.09 2.30 -28.93
C LEU A 380 3.23 3.21 -30.16
N LEU A 381 4.29 4.00 -30.22
CA LEU A 381 4.45 4.91 -31.35
C LEU A 381 4.77 4.16 -32.63
N LEU A 382 5.41 2.99 -32.52
CA LEU A 382 5.86 2.24 -33.69
C LEU A 382 4.98 1.05 -34.06
N LYS A 383 3.99 0.67 -33.26
CA LYS A 383 3.37 -0.65 -33.47
C LYS A 383 2.50 -0.71 -34.72
N ASP A 384 1.94 0.42 -35.16
CA ASP A 384 1.16 0.42 -36.39
C ASP A 384 2.03 0.43 -37.63
N ASN A 385 3.31 0.75 -37.49
CA ASN A 385 4.26 0.76 -38.60
C ASN A 385 5.18 -0.46 -38.61
N TYR A 386 5.62 -0.90 -37.45
CA TYR A 386 6.60 -1.96 -37.34
C TYR A 386 5.89 -3.22 -36.83
N ASN A 387 5.86 -4.25 -37.64
CA ASN A 387 5.32 -5.52 -37.21
C ASN A 387 6.20 -6.09 -36.11
N GLY A 388 5.58 -6.48 -34.99
CA GLY A 388 6.29 -7.04 -33.86
C GLY A 388 6.35 -6.14 -32.65
N MET A 389 6.24 -4.82 -32.84
CA MET A 389 6.31 -3.92 -31.70
C MET A 389 5.16 -4.15 -30.73
N SER A 390 4.05 -4.72 -31.21
CA SER A 390 2.95 -5.06 -30.31
C SER A 390 3.43 -6.00 -29.20
N PHE A 391 4.22 -7.01 -29.55
CA PHE A 391 4.76 -7.89 -28.53
C PHE A 391 5.66 -7.12 -27.57
N VAL A 392 6.28 -6.05 -28.06
CA VAL A 392 7.12 -5.25 -27.18
C VAL A 392 6.28 -4.48 -26.18
N CYS A 393 5.13 -3.92 -26.61
CA CYS A 393 4.24 -3.26 -25.65
C CYS A 393 3.84 -4.24 -24.56
N ILE A 394 3.49 -5.47 -24.94
CA ILE A 394 3.03 -6.47 -23.97
C ILE A 394 4.14 -6.76 -22.96
N GLY A 395 5.36 -7.04 -23.45
CA GLY A 395 6.47 -7.33 -22.56
C GLY A 395 6.83 -6.16 -21.67
N ALA A 396 6.79 -4.94 -22.21
CA ALA A 396 7.15 -3.76 -21.44
C ALA A 396 6.23 -3.59 -20.24
N ILE A 397 4.94 -3.87 -20.40
CA ILE A 397 4.00 -3.76 -19.28
C ILE A 397 4.33 -4.81 -18.22
N LEU A 398 4.54 -6.05 -18.64
CA LEU A 398 4.80 -7.13 -17.69
C LEU A 398 6.11 -6.91 -16.95
N VAL A 399 7.17 -6.49 -17.66
CA VAL A 399 8.46 -6.22 -17.00
C VAL A 399 8.38 -4.98 -16.13
N PHE A 400 7.66 -3.96 -16.57
CA PHE A 400 7.39 -2.81 -15.71
C PHE A 400 6.87 -3.26 -14.34
N VAL A 401 5.91 -4.18 -14.32
CA VAL A 401 5.34 -4.61 -13.05
C VAL A 401 6.36 -5.38 -12.23
N ALA A 402 7.18 -6.20 -12.89
CA ALA A 402 8.18 -6.97 -12.14
C ALA A 402 9.19 -6.03 -11.47
N PHE A 403 9.65 -5.01 -12.19
CA PHE A 403 10.58 -4.05 -11.63
C PHE A 403 9.94 -3.26 -10.50
N PHE A 404 8.66 -2.93 -10.65
CA PHE A 404 7.98 -2.20 -9.60
C PHE A 404 8.07 -2.97 -8.28
N GLU A 405 7.89 -4.29 -8.32
CA GLU A 405 7.82 -5.03 -7.06
C GLU A 405 9.18 -5.36 -6.48
N ILE A 406 10.25 -5.16 -7.27
CA ILE A 406 11.61 -5.36 -6.77
C ILE A 406 11.88 -4.44 -5.60
N GLY A 407 11.34 -3.22 -5.65
CA GLY A 407 11.66 -2.22 -4.66
C GLY A 407 10.56 -1.20 -4.41
N PRO A 408 10.21 -0.42 -5.43
CA PRO A 408 9.24 0.67 -5.21
C PRO A 408 7.87 0.22 -4.72
N GLY A 409 7.48 -1.00 -5.02
CA GLY A 409 6.32 -1.58 -4.40
C GLY A 409 6.46 -1.71 -2.89
N PRO A 410 7.27 -2.66 -2.44
CA PRO A 410 7.29 -3.00 -1.01
C PRO A 410 8.01 -1.99 -0.12
N ILE A 411 9.12 -1.41 -0.59
CA ILE A 411 10.04 -0.67 0.28
C ILE A 411 9.42 0.61 0.83
N PRO A 412 8.77 1.45 0.03
CA PRO A 412 8.21 2.68 0.60
C PRO A 412 7.20 2.44 1.70
N TRP A 413 6.47 1.32 1.67
CA TRP A 413 5.45 1.08 2.68
C TRP A 413 6.07 0.76 4.04
N PHE A 414 7.22 0.11 4.08
CA PHE A 414 7.84 -0.24 5.37
C PHE A 414 8.99 0.68 5.77
N ILE A 415 9.59 1.39 4.83
CA ILE A 415 10.79 2.22 5.10
C ILE A 415 10.51 3.37 6.09
N VAL A 416 9.30 3.92 6.13
CA VAL A 416 9.01 5.07 7.04
C VAL A 416 9.13 4.64 8.50
N ALA A 417 8.73 3.42 8.80
CA ALA A 417 8.83 2.89 10.17
C ALA A 417 10.31 2.81 10.59
N GLU A 418 11.22 2.48 9.69
CA GLU A 418 12.64 2.35 10.08
C GLU A 418 13.40 3.67 9.98
N LEU A 419 12.80 4.70 9.44
CA LEU A 419 13.45 6.01 9.30
C LEU A 419 13.21 6.86 10.53
N PHE A 420 12.33 6.41 11.39
CA PHE A 420 12.06 7.20 12.61
C PHE A 420 12.14 6.33 13.85
N SER A 421 12.42 6.97 14.98
CA SER A 421 12.33 6.32 16.28
C SER A 421 10.89 6.36 16.77
N GLN A 422 10.67 5.89 18.01
CA GLN A 422 9.32 5.60 18.48
C GLN A 422 8.44 6.86 18.54
N GLY A 423 8.96 7.93 19.12
CA GLY A 423 8.18 9.14 19.32
C GLY A 423 7.52 9.70 18.07
N PRO A 424 8.32 9.97 17.03
CA PRO A 424 7.76 10.57 15.80
C PRO A 424 7.16 9.58 14.80
N ARG A 425 7.30 8.27 14.98
CA ARG A 425 6.86 7.35 13.93
C ARG A 425 5.37 7.47 13.59
N PRO A 426 4.43 7.55 14.54
CA PRO A 426 3.01 7.65 14.12
C PRO A 426 2.73 8.89 13.29
N ALA A 427 3.20 10.06 13.72
CA ALA A 427 2.96 11.27 12.94
C ALA A 427 3.67 11.23 11.59
N ALA A 428 4.84 10.58 11.54
CA ALA A 428 5.56 10.45 10.27
C ALA A 428 4.82 9.55 9.31
N MET A 429 4.25 8.46 9.82
CA MET A 429 3.56 7.52 8.96
C MET A 429 2.19 8.02 8.59
N ALA A 430 1.56 8.83 9.45
CA ALA A 430 0.38 9.57 9.04
C ALA A 430 0.67 10.43 7.82
N VAL A 431 1.78 11.19 7.86
CA VAL A 431 2.14 12.10 6.77
C VAL A 431 2.54 11.33 5.53
N ALA A 432 3.46 10.36 5.70
CA ALA A 432 3.94 9.62 4.54
C ALA A 432 2.79 8.89 3.86
N GLY A 433 2.00 8.15 4.66
CA GLY A 433 0.90 7.40 4.10
C GLY A 433 -0.10 8.29 3.40
N CYS A 434 -0.40 9.45 3.99
CA CYS A 434 -1.30 10.38 3.33
C CYS A 434 -0.73 10.83 2.00
N SER A 435 0.58 11.09 1.96
CA SER A 435 1.19 11.51 0.71
C SER A 435 1.12 10.38 -0.32
N ASN A 436 1.23 9.14 0.14
CA ASN A 436 1.05 8.01 -0.77
C ASN A 436 -0.35 8.00 -1.36
N TRP A 437 -1.37 8.10 -0.50
CA TRP A 437 -2.75 8.07 -1.00
C TRP A 437 -3.05 9.30 -1.84
N THR A 438 -2.48 10.46 -1.47
CA THR A 438 -2.81 11.67 -2.20
C THR A 438 -2.21 11.64 -3.60
N SER A 439 -0.96 11.20 -3.73
CA SER A 439 -0.37 11.08 -5.05
C SER A 439 -1.03 9.97 -5.85
N ASN A 440 -1.49 8.92 -5.18
CA ASN A 440 -2.33 7.89 -5.80
C ASN A 440 -3.56 8.54 -6.43
N PHE A 441 -4.26 9.35 -5.64
CA PHE A 441 -5.41 10.08 -6.14
C PHE A 441 -5.04 10.97 -7.32
N LEU A 442 -3.93 11.70 -7.21
CA LEU A 442 -3.57 12.68 -8.23
C LEU A 442 -3.27 12.01 -9.58
N VAL A 443 -2.57 10.87 -9.57
CA VAL A 443 -2.40 10.11 -10.80
C VAL A 443 -3.74 9.77 -11.41
N GLY A 444 -4.66 9.21 -10.61
CA GLY A 444 -5.96 8.86 -11.14
C GLY A 444 -6.72 10.08 -11.64
N LEU A 445 -6.56 11.21 -10.96
CA LEU A 445 -7.27 12.42 -11.36
C LEU A 445 -6.78 12.92 -12.71
N LEU A 446 -5.45 12.98 -12.89
CA LEU A 446 -4.85 13.71 -13.99
C LEU A 446 -4.42 12.85 -15.17
N PHE A 447 -4.29 11.53 -14.99
CA PHE A 447 -3.78 10.71 -16.07
C PHE A 447 -4.68 10.71 -17.30
N PRO A 448 -6.01 10.58 -17.20
CA PRO A 448 -6.82 10.57 -18.44
C PRO A 448 -6.65 11.82 -19.29
N SER A 449 -6.55 12.99 -18.67
CA SER A 449 -6.33 14.23 -19.43
C SER A 449 -4.96 14.23 -20.11
N ALA A 450 -3.90 13.90 -19.37
CA ALA A 450 -2.56 13.88 -19.95
C ALA A 450 -2.46 12.86 -21.08
N ALA A 451 -3.05 11.68 -20.89
CA ALA A 451 -3.07 10.70 -21.97
C ALA A 451 -3.82 11.22 -23.17
N HIS A 452 -4.89 12.00 -22.93
CA HIS A 452 -5.66 12.55 -24.02
C HIS A 452 -4.84 13.54 -24.85
N TYR A 453 -4.01 14.36 -24.20
CA TYR A 453 -3.19 15.30 -24.96
C TYR A 453 -1.95 14.64 -25.53
N LEU A 454 -1.32 13.75 -24.77
CA LEU A 454 0.02 13.27 -25.09
C LEU A 454 0.04 11.90 -25.76
N GLY A 455 -1.08 11.16 -25.73
CA GLY A 455 -1.11 9.84 -26.34
C GLY A 455 -0.04 8.94 -25.72
N ALA A 456 0.71 8.26 -26.58
CA ALA A 456 1.75 7.34 -26.12
C ALA A 456 2.85 8.05 -25.34
N TYR A 457 3.06 9.36 -25.55
CA TYR A 457 4.06 10.10 -24.78
C TYR A 457 3.72 10.25 -23.31
N VAL A 458 2.48 9.95 -22.91
CA VAL A 458 2.08 10.15 -21.51
C VAL A 458 3.01 9.37 -20.57
N PHE A 459 3.55 8.25 -21.03
CA PHE A 459 4.41 7.44 -20.18
C PHE A 459 5.79 8.04 -19.98
N ILE A 460 6.21 9.00 -20.83
CA ILE A 460 7.44 9.73 -20.56
C ILE A 460 7.29 10.60 -19.31
N ILE A 461 6.06 11.01 -18.97
CA ILE A 461 5.84 11.69 -17.70
C ILE A 461 6.28 10.82 -16.53
N PHE A 462 5.85 9.56 -16.53
CA PHE A 462 6.25 8.66 -15.45
C PHE A 462 7.75 8.40 -15.52
N THR A 463 8.29 8.26 -16.73
CA THR A 463 9.74 8.13 -16.91
C THR A 463 10.48 9.29 -16.24
N GLY A 464 9.99 10.52 -16.45
CA GLY A 464 10.64 11.67 -15.83
C GLY A 464 10.67 11.56 -14.30
N PHE A 465 9.54 11.18 -13.69
CA PHE A 465 9.49 11.02 -12.24
C PHE A 465 10.42 9.90 -11.80
N LEU A 466 10.33 8.74 -12.48
CA LEU A 466 11.17 7.60 -12.15
C LEU A 466 12.64 7.98 -12.15
N ILE A 467 13.10 8.65 -13.21
CA ILE A 467 14.49 9.09 -13.30
C ILE A 467 14.80 10.10 -12.21
N THR A 468 13.90 11.06 -11.98
CA THR A 468 14.11 12.04 -10.93
C THR A 468 14.25 11.35 -9.57
N PHE A 469 13.36 10.40 -9.28
CA PHE A 469 13.38 9.77 -7.97
C PHE A 469 14.53 8.77 -7.84
N LEU A 470 14.98 8.20 -8.96
CA LEU A 470 16.20 7.39 -8.93
C LEU A 470 17.41 8.23 -8.51
N ALA A 471 17.50 9.46 -9.02
CA ALA A 471 18.58 10.35 -8.61
C ALA A 471 18.47 10.68 -7.13
N PHE A 472 17.26 11.03 -6.67
CA PHE A 472 17.03 11.31 -5.25
C PHE A 472 17.45 10.14 -4.38
N THR A 473 17.07 8.93 -4.78
CA THR A 473 17.38 7.75 -3.98
C THR A 473 18.88 7.55 -3.86
N PHE A 474 19.58 7.58 -4.99
CA PHE A 474 21.03 7.38 -4.96
C PHE A 474 21.73 8.37 -4.05
N PHE A 475 21.32 9.64 -4.11
CA PHE A 475 22.04 10.67 -3.37
C PHE A 475 21.54 10.88 -1.94
N LYS A 476 20.25 10.63 -1.67
CA LYS A 476 19.64 11.11 -0.43
C LYS A 476 19.12 10.05 0.53
N VAL A 477 19.01 8.79 0.12
CA VAL A 477 18.33 7.77 0.92
C VAL A 477 19.39 6.91 1.63
N PRO A 478 19.52 6.99 2.95
CA PRO A 478 20.47 6.13 3.65
C PRO A 478 20.07 4.67 3.60
N GLU A 479 21.06 3.81 3.74
CA GLU A 479 20.80 2.37 3.84
C GLU A 479 20.40 2.05 5.27
N THR A 480 19.25 1.43 5.42
CA THR A 480 18.67 1.18 6.76
C THR A 480 18.75 -0.30 7.12
N ARG A 481 19.24 -1.15 6.23
CA ARG A 481 19.21 -2.60 6.46
C ARG A 481 20.01 -2.97 7.70
N GLY A 482 19.38 -3.76 8.58
CA GLY A 482 20.08 -4.26 9.75
C GLY A 482 20.47 -3.22 10.79
N ARG A 483 19.99 -1.99 10.68
CA ARG A 483 20.35 -0.96 11.64
C ARG A 483 19.20 -0.72 12.62
N THR A 484 19.57 -0.41 13.86
CA THR A 484 18.54 -0.08 14.83
C THR A 484 17.96 1.29 14.52
N PHE A 485 16.81 1.54 15.10
CA PHE A 485 16.12 2.83 14.95
C PHE A 485 17.00 3.91 15.56
N GLU A 486 17.61 3.59 16.70
CA GLU A 486 18.45 4.57 17.39
C GLU A 486 19.64 4.95 16.53
N ASP A 487 20.23 3.97 15.85
CA ASP A 487 21.40 4.26 15.03
C ASP A 487 21.02 5.14 13.84
N ILE A 488 19.87 4.83 13.25
CA ILE A 488 19.35 5.60 12.09
C ILE A 488 19.00 7.02 12.55
N THR A 489 18.32 7.14 13.68
CA THR A 489 17.94 8.46 14.15
C THR A 489 19.17 9.29 14.54
N ARG A 490 20.16 8.65 15.17
CA ARG A 490 21.37 9.37 15.56
C ARG A 490 22.10 9.92 14.35
N ALA A 491 22.17 9.13 13.27
CA ALA A 491 22.81 9.61 12.05
C ALA A 491 22.09 10.82 11.49
N PHE A 492 20.76 10.83 11.53
CA PHE A 492 20.02 12.01 11.07
C PHE A 492 20.29 13.21 11.96
N GLU A 493 20.44 12.99 13.28
CA GLU A 493 20.76 14.07 14.19
C GLU A 493 22.19 14.56 13.97
N GLY A 494 23.12 13.63 13.76
CA GLY A 494 24.48 14.02 13.42
C GLY A 494 24.54 14.85 12.14
N GLN A 495 23.81 14.43 11.10
CA GLN A 495 23.78 15.23 9.89
C GLN A 495 23.16 16.59 10.13
N ALA A 496 22.06 16.64 10.89
CA ALA A 496 21.40 17.91 11.16
C ALA A 496 22.29 18.90 11.90
N HIS A 497 23.34 18.42 12.58
CA HIS A 497 24.25 19.28 13.32
C HIS A 497 25.27 19.96 12.39
C18 OLC B . -10.37 -6.91 -16.97
C10 OLC B . -9.02 -3.03 -16.28
C9 OLC B . -7.99 -3.48 -15.58
C17 OLC B . -11.64 -6.82 -17.82
C11 OLC B . -10.45 -3.42 -15.91
C8 OLC B . -8.22 -4.39 -14.38
C24 OLC B . -9.18 2.34 -10.58
C16 OLC B . -11.70 -5.56 -18.65
C12 OLC B . -11.45 -2.37 -16.39
C7 OLC B . -7.07 -4.28 -13.38
C15 OLC B . -13.08 -4.90 -18.61
C13 OLC B . -12.14 -2.74 -17.69
C6 OLC B . -7.38 -4.93 -12.04
C14 OLC B . -13.18 -3.85 -17.51
C5 OLC B . -6.16 -5.00 -11.13
C4 OLC B . -6.08 -3.83 -10.15
C3 OLC B . -5.31 -2.62 -10.70
C2 OLC B . -4.83 -1.69 -9.59
C21 OLC B . -7.15 0.90 -10.74
C1 OLC B . -5.52 -0.32 -9.60
C22 OLC B . -7.84 2.00 -9.93
O19 OLC B . -4.88 0.64 -9.34
O25 OLC B . -8.94 2.97 -11.80
O23 OLC B . -8.05 1.56 -8.61
O20 OLC B . -6.87 -0.19 -9.92
C18 OLC C . -13.28 10.51 -16.76
C10 OLC C . -11.61 7.24 -10.98
C9 OLC C . -11.02 8.06 -10.13
C17 OLC C . -12.23 9.77 -15.92
C11 OLC C . -10.82 6.24 -11.81
C8 OLC C . -9.51 8.05 -9.92
C24 OLC C . -7.35 7.06 -14.39
C16 OLC C . -12.35 8.25 -16.07
C12 OLC C . -10.82 6.60 -13.29
C7 OLC C . -9.17 8.08 -8.44
C15 OLC C . -13.57 7.69 -15.34
C13 OLC C . -12.07 6.11 -14.03
C6 OLC C . -7.69 8.27 -8.16
C14 OLC C . -13.21 7.12 -13.97
C5 OLC C . -7.05 7.01 -7.58
C4 OLC C . -7.02 5.87 -8.60
C3 OLC C . -5.64 5.25 -8.72
C2 OLC C . -4.85 5.80 -9.91
C21 OLC C . -5.83 5.30 -13.50
C1 OLC C . -5.32 5.19 -11.22
C22 OLC C . -7.25 5.85 -13.47
O19 OLC C . -5.87 4.14 -11.20
O25 OLC C . -6.05 7.52 -14.66
O23 OLC C . -8.14 4.85 -13.91
O20 OLC C . -5.11 5.85 -12.42
C18 OLC D . -13.09 -17.14 12.91
C10 OLC D . -11.42 -15.74 4.65
C9 OLC D . -10.68 -16.05 3.60
C17 OLC D . -14.21 -16.75 11.96
C11 OLC D . -12.41 -16.75 5.22
C8 OLC D . -9.70 -15.05 3.02
C24 OLC D . 2.17 -12.23 4.96
C16 OLC D . -13.71 -16.04 10.71
C12 OLC D . -12.57 -16.61 6.73
C7 OLC D . -8.79 -14.43 4.09
C15 OLC D . -14.71 -16.10 9.56
C13 OLC D . -14.03 -16.48 7.14
C6 OLC D . -7.52 -13.85 3.49
C14 OLC D . -14.30 -17.13 8.51
C5 OLC D . -6.60 -13.25 4.55
C4 OLC D . -5.42 -12.49 3.94
C3 OLC D . -4.12 -13.30 3.97
C2 OLC D . -2.90 -12.44 4.25
C21 OLC D . 0.36 -11.74 3.31
C1 OLC D . -1.80 -12.64 3.21
C22 OLC D . 1.81 -12.19 3.48
O19 OLC D . -2.07 -12.64 2.05
O25 OLC D . 1.43 -13.25 5.56
O23 OLC D . 1.97 -13.46 2.92
O20 OLC D . -0.47 -12.83 3.61
C1 GLC E . 1.38 -0.42 -4.09
C2 GLC E . 0.47 0.78 -3.87
C3 GLC E . -0.82 0.62 -4.67
C4 GLC E . -0.59 -0.32 -5.85
C5 GLC E . -0.14 -1.71 -5.39
C6 GLC E . 0.76 -2.36 -6.44
O1 GLC E . 2.30 -0.53 -2.99
O2 GLC E . 0.15 0.91 -2.48
O3 GLC E . -1.25 1.89 -5.15
O4 GLC E . -1.82 -0.46 -6.60
O5 GLC E . 0.58 -1.60 -4.15
O6 GLC E . 0.92 -3.75 -6.12
#